data_9O0K
#
_entry.id   9O0K
#
_cell.length_a   37.258
_cell.length_b   188.772
_cell.length_c   119.176
_cell.angle_alpha   90
_cell.angle_beta   90
_cell.angle_gamma   90
#
_symmetry.space_group_name_H-M   'C 2 2 21'
#
loop_
_entity.id
_entity.type
_entity.pdbx_description
1 polymer 'Membrane protein'
2 non-polymer 'PROTOPORPHYRIN IX CONTAINING FE'
3 non-polymer GLYCEROL
4 non-polymer DI(HYDROXYETHYL)ETHER
5 non-polymer 1,2-ETHANEDIOL
6 non-polymer 'SULFATE ION'
7 water water
#
_entity_poly.entity_id   1
_entity_poly.type   'polypeptide(L)'
_entity_poly.pdbx_seq_one_letter_code
;KSTGEALTWGVRSSFNNYSGGPTEMLDGAKQNGTKNRFTFQLESVTYDEATEKLEAKFKGGVHYQKYCADEASHSDCQLD
LKIENPRIVIAKGGSHVFAKVSSKKYQSSGTYTNDGEDDARPIAQLYTANATFKEEDGKVTWSEIPALLTKDGAEMFSNF
YPVNSGLDSLTFSFDKSQLG
;
_entity_poly.pdbx_strand_id   A,B
#
loop_
_chem_comp.id
_chem_comp.type
_chem_comp.name
_chem_comp.formula
EDO non-polymer 1,2-ETHANEDIOL 'C2 H6 O2'
GOL non-polymer GLYCEROL 'C3 H8 O3'
HEM non-polymer 'PROTOPORPHYRIN IX CONTAINING FE' 'C34 H32 Fe N4 O4'
PEG non-polymer DI(HYDROXYETHYL)ETHER 'C4 H10 O3'
SO4 non-polymer 'SULFATE ION' 'O4 S -2'
#
# COMPACT_ATOMS: atom_id res chain seq x y z
N GLY A 4 -4.81 6.39 22.08
CA GLY A 4 -6.12 6.53 22.69
C GLY A 4 -6.81 7.82 22.28
N GLU A 5 -8.14 7.82 22.27
CA GLU A 5 -8.95 8.98 21.90
C GLU A 5 -8.63 9.39 20.47
N ALA A 6 -8.64 8.41 19.56
CA ALA A 6 -8.28 8.62 18.16
C ALA A 6 -8.86 7.57 17.22
N LEU A 7 -8.91 7.86 15.92
CA LEU A 7 -9.28 6.97 14.83
C LEU A 7 -7.99 6.72 14.05
N THR A 8 -7.69 5.46 13.80
CA THR A 8 -6.57 5.07 12.97
C THR A 8 -7.14 4.44 11.71
N TRP A 9 -6.78 4.99 10.53
CA TRP A 9 -7.31 4.48 9.27
C TRP A 9 -6.41 4.92 8.16
N GLY A 10 -6.11 3.99 7.26
CA GLY A 10 -5.27 4.34 6.12
C GLY A 10 -6.05 4.64 4.86
N VAL A 11 -7.40 4.61 4.91
CA VAL A 11 -8.25 4.79 3.74
C VAL A 11 -8.16 3.55 2.80
N ARG A 12 -7.09 3.43 1.95
CA ARG A 12 -6.95 2.28 1.08
C ARG A 12 -5.47 2.09 0.80
N SER A 13 -4.96 0.92 1.12
CA SER A 13 -3.54 0.61 0.98
C SER A 13 -3.00 0.82 -0.45
N SER A 14 -3.70 0.28 -1.45
CA SER A 14 -3.24 0.39 -2.83
C SER A 14 -3.25 1.84 -3.34
N PHE A 15 -4.18 2.68 -2.83
CA PHE A 15 -4.26 4.09 -3.16
C PHE A 15 -3.09 4.83 -2.58
N ASN A 16 -2.69 4.52 -1.33
CA ASN A 16 -1.48 5.14 -0.77
C ASN A 16 -0.25 4.72 -1.56
N ASN A 17 -0.20 3.48 -2.01
CA ASN A 17 0.95 3.03 -2.83
C ASN A 17 0.96 3.79 -4.18
N TYR A 18 -0.20 3.90 -4.85
CA TYR A 18 -0.30 4.54 -6.17
C TYR A 18 0.09 6.01 -6.07
N SER A 19 -0.41 6.70 -5.02
CA SER A 19 -0.18 8.13 -4.86
C SER A 19 1.12 8.50 -4.14
N GLY A 20 1.79 7.55 -3.52
CA GLY A 20 2.94 7.84 -2.67
C GLY A 20 2.51 8.45 -1.34
N GLY A 21 1.21 8.39 -1.00
CA GLY A 21 0.67 8.93 0.24
C GLY A 21 0.29 10.39 0.15
N PRO A 22 -0.36 10.90 1.18
CA PRO A 22 -0.79 12.31 1.15
C PRO A 22 0.37 13.30 0.96
N THR A 23 0.16 14.32 0.15
CA THR A 23 1.17 15.39 0.00
C THR A 23 1.21 16.18 1.32
N GLU A 24 0.07 16.30 2.04
CA GLU A 24 0.06 16.96 3.34
C GLU A 24 -1.05 16.45 4.27
N MET A 25 -0.76 16.51 5.57
CA MET A 25 -1.68 16.19 6.67
C MET A 25 -2.36 17.51 7.06
N LEU A 26 -3.66 17.45 7.28
CA LEU A 26 -4.43 18.64 7.60
C LEU A 26 -4.94 18.63 9.02
N ASP A 27 -5.08 19.84 9.60
CA ASP A 27 -5.71 20.06 10.89
C ASP A 27 -5.25 19.14 12.04
N GLY A 28 -3.93 18.94 12.20
CA GLY A 28 -3.42 18.12 13.29
C GLY A 28 -3.44 16.61 13.10
N ALA A 29 -3.93 16.11 11.93
CA ALA A 29 -3.92 14.64 11.70
C ALA A 29 -2.46 14.19 11.58
N LYS A 30 -2.15 12.98 11.97
CA LYS A 30 -0.78 12.47 11.87
C LYS A 30 -0.72 11.28 10.95
N GLN A 31 0.47 10.98 10.47
CA GLN A 31 0.68 9.83 9.59
C GLN A 31 1.91 9.05 10.09
N ASN A 32 1.94 7.73 9.84
CA ASN A 32 3.11 6.92 10.20
C ASN A 32 4.25 7.19 9.18
N GLY A 33 5.45 6.68 9.47
CA GLY A 33 6.61 6.88 8.61
C GLY A 33 6.44 6.47 7.15
N THR A 34 5.66 5.43 6.89
CA THR A 34 5.42 4.97 5.51
C THR A 34 4.19 5.61 4.84
N LYS A 35 3.58 6.64 5.48
CA LYS A 35 2.50 7.41 4.87
C LYS A 35 1.29 6.58 4.41
N ASN A 36 0.95 5.51 5.13
CA ASN A 36 -0.19 4.66 4.77
C ASN A 36 -1.12 4.35 5.95
N ARG A 37 -0.93 5.00 7.09
CA ARG A 37 -1.81 4.83 8.25
C ARG A 37 -1.94 6.19 8.93
N PHE A 38 -3.17 6.72 8.99
CA PHE A 38 -3.37 8.07 9.51
C PHE A 38 -4.09 8.06 10.87
N THR A 39 -3.84 9.07 11.69
CA THR A 39 -4.44 9.15 13.04
C THR A 39 -5.18 10.46 13.19
N PHE A 40 -6.47 10.39 13.51
CA PHE A 40 -7.35 11.54 13.64
C PHE A 40 -7.85 11.61 15.11
N GLN A 41 -7.59 12.75 15.77
CA GLN A 41 -7.98 12.92 17.17
C GLN A 41 -9.49 12.94 17.37
N LEU A 42 -9.96 12.36 18.47
CA LEU A 42 -11.37 12.34 18.79
C LEU A 42 -11.87 13.73 19.22
N GLU A 43 -12.92 14.24 18.57
CA GLU A 43 -13.55 15.51 18.95
C GLU A 43 -14.67 15.21 19.95
N SER A 44 -15.57 14.26 19.61
CA SER A 44 -16.67 13.91 20.49
C SER A 44 -17.22 12.52 20.19
N VAL A 45 -17.90 11.92 21.16
CA VAL A 45 -18.51 10.60 20.99
C VAL A 45 -19.79 10.52 21.82
N THR A 46 -20.89 10.11 21.21
CA THR A 46 -22.17 9.96 21.90
C THR A 46 -22.71 8.53 21.66
N TYR A 47 -23.46 8.00 22.62
CA TYR A 47 -24.08 6.70 22.48
C TYR A 47 -25.49 6.82 22.99
N ASP A 48 -26.47 6.56 22.13
CA ASP A 48 -27.87 6.61 22.54
C ASP A 48 -28.29 5.16 22.79
N GLU A 49 -28.64 4.84 24.03
CA GLU A 49 -29.01 3.50 24.48
C GLU A 49 -30.24 2.92 23.78
N ALA A 50 -31.33 3.70 23.71
CA ALA A 50 -32.59 3.26 23.11
C ALA A 50 -32.49 2.96 21.62
N THR A 51 -31.78 3.80 20.84
CA THR A 51 -31.61 3.54 19.40
C THR A 51 -30.36 2.71 19.08
N GLU A 52 -29.48 2.48 20.07
CA GLU A 52 -28.23 1.71 19.89
C GLU A 52 -27.37 2.35 18.78
N LYS A 53 -27.22 3.67 18.87
CA LYS A 53 -26.46 4.42 17.90
C LYS A 53 -25.29 5.09 18.58
N LEU A 54 -24.09 4.75 18.12
CA LEU A 54 -22.85 5.32 18.57
C LEU A 54 -22.38 6.26 17.44
N GLU A 55 -21.96 7.46 17.77
CA GLU A 55 -21.45 8.40 16.79
C GLU A 55 -20.17 9.05 17.30
N ALA A 56 -19.07 8.92 16.57
CA ALA A 56 -17.81 9.50 16.99
C ALA A 56 -17.30 10.44 15.89
N LYS A 57 -16.96 11.67 16.27
CA LYS A 57 -16.46 12.66 15.33
C LYS A 57 -15.00 12.85 15.58
N PHE A 58 -14.19 12.83 14.53
CA PHE A 58 -12.74 13.01 14.62
C PHE A 58 -12.30 14.25 13.85
N LYS A 59 -11.11 14.77 14.17
CA LYS A 59 -10.54 15.99 13.57
C LYS A 59 -9.31 15.63 12.76
N GLY A 60 -9.08 16.39 11.70
CA GLY A 60 -7.91 16.18 10.88
C GLY A 60 -8.27 15.65 9.52
N GLY A 61 -7.33 15.74 8.62
CA GLY A 61 -7.53 15.34 7.22
C GLY A 61 -6.29 14.92 6.51
N VAL A 62 -6.48 14.41 5.28
CA VAL A 62 -5.40 13.99 4.38
C VAL A 62 -5.65 14.68 3.04
N HIS A 63 -4.58 15.09 2.36
CA HIS A 63 -4.69 15.78 1.06
C HIS A 63 -3.72 15.07 0.15
N TYR A 64 -4.26 14.48 -0.91
CA TYR A 64 -3.51 13.78 -1.94
C TYR A 64 -3.54 14.64 -3.21
N GLN A 65 -2.40 14.75 -3.84
CA GLN A 65 -2.20 15.48 -5.09
C GLN A 65 -1.30 14.70 -6.03
N LYS A 66 -1.68 14.68 -7.31
CA LYS A 66 -0.93 13.98 -8.31
C LYS A 66 -1.18 14.66 -9.66
N TYR A 67 -0.22 14.53 -10.58
CA TYR A 67 -0.33 15.11 -11.92
C TYR A 67 -0.34 16.63 -11.85
N CYS A 68 0.63 17.18 -11.12
CA CYS A 68 0.68 18.61 -10.90
C CYS A 68 1.42 19.25 -12.08
N ALA A 69 0.90 20.33 -12.59
CA ALA A 69 1.60 21.04 -13.68
C ALA A 69 2.84 21.76 -13.13
N ASP A 70 2.82 22.12 -11.83
CA ASP A 70 3.98 22.68 -11.14
C ASP A 70 4.27 21.62 -10.09
N GLU A 71 5.11 20.61 -10.43
CA GLU A 71 5.35 19.50 -9.49
C GLU A 71 6.14 19.90 -8.27
N ALA A 72 7.00 20.91 -8.38
CA ALA A 72 7.80 21.35 -7.23
C ALA A 72 6.92 22.00 -6.15
N SER A 73 5.81 22.65 -6.55
CA SER A 73 4.93 23.26 -5.55
C SER A 73 3.54 22.61 -5.45
N HIS A 74 3.33 21.47 -6.11
CA HIS A 74 2.04 20.74 -6.05
C HIS A 74 0.85 21.66 -6.36
N SER A 75 0.97 22.43 -7.44
CA SER A 75 -0.09 23.34 -7.86
C SER A 75 -0.60 22.81 -9.22
N ASP A 76 -1.88 23.10 -9.58
CA ASP A 76 -2.50 22.67 -10.84
C ASP A 76 -2.41 21.15 -11.02
N CYS A 77 -2.86 20.39 -10.00
CA CYS A 77 -2.85 18.93 -9.96
C CYS A 77 -4.15 18.36 -10.48
N GLN A 78 -4.05 17.45 -11.48
CA GLN A 78 -5.27 16.82 -12.02
C GLN A 78 -5.91 15.88 -11.03
N LEU A 79 -5.13 15.34 -10.13
CA LEU A 79 -5.69 14.52 -9.04
C LEU A 79 -5.51 15.38 -7.80
N ASP A 80 -6.61 15.77 -7.18
CA ASP A 80 -6.53 16.60 -5.96
C ASP A 80 -7.69 16.20 -5.06
N LEU A 81 -7.35 15.43 -4.03
CA LEU A 81 -8.32 14.81 -3.10
C LEU A 81 -8.09 15.22 -1.64
N LYS A 82 -9.10 15.77 -0.97
CA LYS A 82 -9.03 16.08 0.45
C LYS A 82 -10.11 15.24 1.15
N ILE A 83 -9.75 14.61 2.26
CA ILE A 83 -10.72 13.83 3.07
C ILE A 83 -10.51 14.34 4.47
N GLU A 84 -11.51 15.00 5.06
CA GLU A 84 -11.37 15.65 6.35
C GLU A 84 -12.43 15.26 7.37
N ASN A 85 -12.10 15.42 8.65
CA ASN A 85 -12.99 15.24 9.79
C ASN A 85 -13.87 14.01 9.71
N PRO A 86 -13.26 12.82 9.68
CA PRO A 86 -14.06 11.60 9.61
C PRO A 86 -15.02 11.43 10.77
N ARG A 87 -16.21 10.91 10.50
CA ARG A 87 -17.23 10.69 11.49
C ARG A 87 -17.72 9.25 11.31
N ILE A 88 -17.74 8.49 12.41
CA ILE A 88 -18.19 7.11 12.36
C ILE A 88 -19.54 6.97 13.02
N VAL A 89 -20.44 6.25 12.37
CA VAL A 89 -21.74 5.96 12.96
C VAL A 89 -21.86 4.46 12.99
N ILE A 90 -22.03 3.89 14.18
CA ILE A 90 -22.21 2.46 14.34
C ILE A 90 -23.58 2.31 14.95
N ALA A 91 -24.53 1.80 14.18
CA ALA A 91 -25.91 1.75 14.60
C ALA A 91 -26.63 0.49 14.07
N LYS A 92 -27.77 0.14 14.67
CA LYS A 92 -28.58 -1.01 14.29
C LYS A 92 -29.03 -0.96 12.79
N GLY A 93 -29.46 0.19 12.32
CA GLY A 93 -29.88 0.35 10.93
C GLY A 93 -28.79 0.35 9.87
N GLY A 94 -27.54 0.35 10.30
CA GLY A 94 -26.40 0.38 9.40
C GLY A 94 -25.28 1.22 9.99
N SER A 95 -24.04 0.88 9.62
CA SER A 95 -22.84 1.56 10.11
C SER A 95 -22.07 2.14 8.95
N HIS A 96 -21.55 3.36 9.12
CA HIS A 96 -20.88 4.06 8.02
C HIS A 96 -19.77 5.01 8.47
N VAL A 97 -18.93 5.44 7.50
CA VAL A 97 -17.94 6.48 7.65
C VAL A 97 -18.42 7.66 6.80
N PHE A 98 -18.48 8.83 7.41
CA PHE A 98 -18.80 10.06 6.73
C PHE A 98 -17.56 10.96 6.77
N ALA A 99 -17.35 11.81 5.74
CA ALA A 99 -16.24 12.73 5.78
C ALA A 99 -16.48 13.91 4.87
N LYS A 100 -15.80 15.02 5.16
CA LYS A 100 -15.85 16.19 4.30
C LYS A 100 -14.84 15.94 3.16
N VAL A 101 -15.33 15.88 1.92
CA VAL A 101 -14.50 15.54 0.77
C VAL A 101 -14.56 16.60 -0.34
N SER A 102 -13.47 16.71 -1.04
CA SER A 102 -13.33 17.55 -2.26
C SER A 102 -12.42 16.71 -3.10
N SER A 103 -12.84 16.35 -4.31
CA SER A 103 -11.99 15.53 -5.18
C SER A 103 -12.18 15.92 -6.63
N LYS A 104 -11.10 16.30 -7.30
CA LYS A 104 -11.19 16.65 -8.74
C LYS A 104 -11.57 15.42 -9.55
N LYS A 105 -12.54 15.56 -10.49
CA LYS A 105 -12.93 14.40 -11.29
C LYS A 105 -12.02 14.14 -12.49
N TYR A 106 -11.77 12.88 -12.75
CA TYR A 106 -10.93 12.42 -13.85
C TYR A 106 -11.53 12.85 -15.17
N GLN A 107 -10.72 13.50 -16.01
CA GLN A 107 -11.08 14.02 -17.33
C GLN A 107 -12.26 14.97 -17.24
N SER A 108 -12.21 15.93 -16.29
CA SER A 108 -13.30 16.88 -16.13
C SER A 108 -12.94 18.06 -15.22
N SER A 109 -13.72 19.15 -15.31
CA SER A 109 -13.66 20.33 -14.42
C SER A 109 -14.46 20.11 -13.19
N GLY A 110 -15.39 19.14 -13.24
CA GLY A 110 -16.26 18.78 -12.13
C GLY A 110 -15.43 18.40 -10.92
N THR A 111 -15.94 18.80 -9.77
CA THR A 111 -15.30 18.46 -8.52
C THR A 111 -16.33 17.72 -7.68
N TYR A 112 -15.99 16.52 -7.22
CA TYR A 112 -16.88 15.79 -6.34
C TYR A 112 -16.77 16.49 -4.96
N THR A 113 -17.87 16.88 -4.34
CA THR A 113 -17.84 17.46 -3.00
C THR A 113 -18.84 16.74 -2.10
N ASN A 114 -18.53 16.73 -0.82
CA ASN A 114 -19.37 16.10 0.19
C ASN A 114 -19.05 16.83 1.49
N ASP A 115 -20.05 17.45 2.13
CA ASP A 115 -19.80 18.18 3.37
C ASP A 115 -19.60 17.30 4.62
N GLY A 116 -19.82 16.00 4.50
CA GLY A 116 -19.64 15.10 5.65
C GLY A 116 -20.71 15.15 6.72
N GLU A 117 -21.73 15.98 6.52
CA GLU A 117 -22.83 16.12 7.46
C GLU A 117 -24.15 15.61 6.86
N ASP A 118 -24.11 14.91 5.71
CA ASP A 118 -25.30 14.43 5.02
C ASP A 118 -25.34 12.95 5.21
N ASP A 119 -26.31 12.47 5.99
CA ASP A 119 -26.44 11.05 6.28
C ASP A 119 -26.81 10.18 5.08
N ALA A 120 -27.29 10.78 3.99
CA ALA A 120 -27.57 10.03 2.77
C ALA A 120 -26.30 9.81 1.93
N ARG A 121 -25.14 10.42 2.30
CA ARG A 121 -23.94 10.32 1.48
C ARG A 121 -22.69 9.83 2.22
N PRO A 122 -22.74 8.65 2.83
CA PRO A 122 -21.51 8.10 3.45
C PRO A 122 -20.49 7.72 2.39
N ILE A 123 -19.18 7.73 2.75
CA ILE A 123 -18.14 7.31 1.79
C ILE A 123 -17.76 5.82 1.99
N ALA A 124 -18.10 5.22 3.15
CA ALA A 124 -17.84 3.82 3.40
C ALA A 124 -18.91 3.22 4.28
N GLN A 125 -19.12 1.93 4.13
CA GLN A 125 -20.04 1.18 4.97
C GLN A 125 -19.20 0.28 5.87
N LEU A 126 -19.53 0.22 7.14
CA LEU A 126 -18.78 -0.54 8.13
C LEU A 126 -19.51 -1.82 8.56
N TYR A 127 -18.77 -2.92 8.78
CA TYR A 127 -19.36 -4.20 9.19
C TYR A 127 -18.71 -4.59 10.53
N THR A 128 -19.42 -4.35 11.63
CA THR A 128 -18.86 -4.62 12.96
C THR A 128 -19.06 -6.06 13.44
N ALA A 129 -19.82 -6.90 12.71
CA ALA A 129 -20.12 -8.26 13.16
C ALA A 129 -18.90 -9.07 13.63
N ASN A 130 -17.78 -9.03 12.90
CA ASN A 130 -16.60 -9.80 13.30
C ASN A 130 -15.42 -8.90 13.74
N ALA A 131 -15.67 -7.64 14.10
CA ALA A 131 -14.58 -6.76 14.55
C ALA A 131 -14.30 -7.09 16.05
N THR A 132 -13.14 -6.70 16.53
CA THR A 132 -12.75 -6.91 17.89
C THR A 132 -13.20 -5.72 18.73
N PHE A 133 -13.80 -5.96 19.88
CA PHE A 133 -14.26 -4.85 20.75
C PHE A 133 -13.70 -5.11 22.14
N LYS A 134 -13.07 -4.10 22.75
CA LYS A 134 -12.51 -4.27 24.09
C LYS A 134 -12.79 -3.07 24.96
N GLU A 135 -13.11 -3.30 26.22
CA GLU A 135 -13.37 -2.20 27.15
C GLU A 135 -12.70 -2.61 28.46
N GLU A 136 -11.69 -1.84 28.85
CA GLU A 136 -10.88 -2.11 30.02
C GLU A 136 -10.35 -0.83 30.60
N ASP A 137 -10.42 -0.67 31.93
CA ASP A 137 -9.93 0.49 32.67
C ASP A 137 -10.48 1.83 32.16
N GLY A 138 -11.75 1.82 31.74
CA GLY A 138 -12.42 3.00 31.22
C GLY A 138 -12.13 3.30 29.74
N LYS A 139 -11.29 2.50 29.07
CA LYS A 139 -10.97 2.74 27.67
C LYS A 139 -11.64 1.72 26.76
N VAL A 140 -12.33 2.21 25.71
CA VAL A 140 -13.02 1.40 24.73
C VAL A 140 -12.24 1.42 23.43
N THR A 141 -11.95 0.26 22.84
CA THR A 141 -11.25 0.18 21.56
C THR A 141 -12.03 -0.75 20.66
N TRP A 142 -12.46 -0.28 19.49
CA TRP A 142 -13.16 -1.12 18.52
C TRP A 142 -12.16 -1.18 17.39
N SER A 143 -11.55 -2.35 17.20
CA SER A 143 -10.48 -2.59 16.25
CA SER A 143 -10.50 -2.51 16.21
C SER A 143 -10.82 -3.42 15.01
N GLU A 144 -10.09 -3.21 13.92
CA GLU A 144 -10.17 -3.94 12.67
C GLU A 144 -11.59 -4.10 12.17
N ILE A 145 -12.30 -2.97 12.11
CA ILE A 145 -13.64 -2.99 11.57
C ILE A 145 -13.52 -2.94 10.03
N PRO A 146 -13.99 -3.97 9.31
CA PRO A 146 -13.94 -3.90 7.83
C PRO A 146 -14.80 -2.79 7.24
N ALA A 147 -14.36 -2.22 6.11
CA ALA A 147 -15.05 -1.12 5.44
C ALA A 147 -15.14 -1.40 3.92
N LEU A 148 -16.27 -1.05 3.31
CA LEU A 148 -16.49 -1.19 1.88
C LEU A 148 -16.85 0.17 1.29
N LEU A 149 -16.46 0.43 0.05
CA LEU A 149 -16.72 1.69 -0.60
C LEU A 149 -18.19 1.82 -0.98
N THR A 150 -18.82 2.97 -0.69
CA THR A 150 -20.21 3.20 -1.10
C THR A 150 -20.21 3.86 -2.52
N LYS A 151 -21.41 4.20 -3.08
CA LYS A 151 -21.53 4.88 -4.35
C LYS A 151 -20.84 6.24 -4.26
N ASP A 152 -21.01 6.97 -3.14
CA ASP A 152 -20.33 8.26 -2.97
C ASP A 152 -18.82 8.10 -2.87
N GLY A 153 -18.38 7.09 -2.16
CA GLY A 153 -16.96 6.80 -2.05
C GLY A 153 -16.34 6.52 -3.41
N ALA A 154 -17.07 5.74 -4.26
CA ALA A 154 -16.61 5.43 -5.62
C ALA A 154 -16.46 6.73 -6.42
N GLU A 155 -17.45 7.65 -6.31
CA GLU A 155 -17.39 8.93 -6.99
C GLU A 155 -16.21 9.75 -6.55
N MET A 156 -15.88 9.71 -5.26
CA MET A 156 -14.70 10.45 -4.75
C MET A 156 -13.41 9.95 -5.44
N PHE A 157 -13.36 8.66 -5.79
CA PHE A 157 -12.20 8.09 -6.49
C PHE A 157 -12.39 8.00 -8.03
N SER A 158 -13.28 8.85 -8.57
CA SER A 158 -13.57 8.93 -10.00
C SER A 158 -13.96 7.62 -10.61
N ASN A 159 -14.59 6.74 -9.83
CA ASN A 159 -15.05 5.43 -10.27
C ASN A 159 -13.91 4.52 -10.76
N PHE A 160 -12.70 4.76 -10.29
CA PHE A 160 -11.57 3.85 -10.56
C PHE A 160 -11.80 2.50 -9.83
N TYR A 161 -12.54 2.50 -8.72
CA TYR A 161 -12.90 1.31 -7.96
C TYR A 161 -14.41 1.12 -8.11
N PRO A 162 -14.86 -0.13 -8.19
CA PRO A 162 -16.30 -0.38 -8.19
C PRO A 162 -16.92 -0.13 -6.80
N VAL A 163 -18.25 0.00 -6.76
CA VAL A 163 -18.96 0.12 -5.49
C VAL A 163 -18.81 -1.21 -4.74
N ASN A 164 -18.68 -1.16 -3.41
CA ASN A 164 -18.49 -2.30 -2.51
C ASN A 164 -17.10 -2.90 -2.58
N SER A 165 -16.14 -2.23 -3.24
CA SER A 165 -14.75 -2.73 -3.21
C SER A 165 -14.20 -2.43 -1.79
N GLY A 166 -13.17 -3.16 -1.42
CA GLY A 166 -12.62 -3.05 -0.08
C GLY A 166 -11.85 -1.78 0.18
N LEU A 167 -11.93 -1.33 1.41
CA LEU A 167 -11.12 -0.23 1.92
C LEU A 167 -10.29 -0.81 3.10
N ASP A 168 -9.36 -0.01 3.64
CA ASP A 168 -8.64 -0.40 4.84
C ASP A 168 -9.62 -0.56 6.01
N SER A 169 -9.41 -1.59 6.83
CA SER A 169 -10.23 -1.74 8.04
C SER A 169 -9.88 -0.57 9.02
N LEU A 170 -10.82 -0.13 9.92
CA LEU A 170 -10.46 0.94 10.83
C LEU A 170 -10.52 0.53 12.32
N THR A 171 -9.82 1.31 13.16
CA THR A 171 -9.75 1.15 14.61
C THR A 171 -9.92 2.49 15.24
N PHE A 172 -10.70 2.55 16.34
CA PHE A 172 -10.88 3.79 17.06
C PHE A 172 -11.01 3.50 18.54
N SER A 173 -10.75 4.52 19.34
CA SER A 173 -10.82 4.36 20.77
C SER A 173 -11.30 5.62 21.44
N PHE A 174 -11.93 5.46 22.58
CA PHE A 174 -12.42 6.59 23.35
C PHE A 174 -12.51 6.18 24.83
N ASP A 175 -12.57 7.14 25.72
CA ASP A 175 -12.75 6.88 27.14
C ASP A 175 -14.25 6.89 27.45
N LYS A 176 -14.73 5.94 28.27
CA LYS A 176 -16.13 5.85 28.70
C LYS A 176 -16.60 7.16 29.35
N SER A 177 -15.67 7.92 29.98
CA SER A 177 -16.03 9.20 30.60
C SER A 177 -16.47 10.25 29.56
N GLN A 178 -15.99 10.12 28.30
CA GLN A 178 -16.34 11.04 27.23
C GLN A 178 -17.73 10.82 26.63
N LEU A 179 -18.38 9.69 26.95
CA LEU A 179 -19.71 9.38 26.45
C LEU A 179 -20.75 10.34 26.99
N GLY B 4 0.49 -15.53 3.77
CA GLY B 4 1.54 -16.24 4.50
C GLY B 4 2.41 -17.07 3.58
N GLU B 5 3.69 -17.28 3.95
CA GLU B 5 4.65 -18.04 3.15
C GLU B 5 4.78 -17.39 1.75
N ALA B 6 5.01 -16.07 1.75
CA ALA B 6 5.10 -15.31 0.51
C ALA B 6 5.86 -13.99 0.68
N LEU B 7 6.31 -13.41 -0.44
CA LEU B 7 6.91 -12.08 -0.52
C LEU B 7 5.88 -11.22 -1.25
N THR B 8 5.58 -10.07 -0.69
CA THR B 8 4.72 -9.08 -1.32
C THR B 8 5.59 -7.88 -1.69
N TRP B 9 5.61 -7.50 -2.96
CA TRP B 9 6.44 -6.39 -3.38
C TRP B 9 5.91 -5.86 -4.69
N GLY B 10 5.81 -4.56 -4.79
CA GLY B 10 5.34 -3.95 -6.03
C GLY B 10 6.47 -3.47 -6.94
N VAL B 11 7.74 -3.67 -6.56
CA VAL B 11 8.89 -3.21 -7.33
C VAL B 11 9.03 -1.67 -7.22
N ARG B 12 8.25 -0.87 -7.98
CA ARG B 12 8.32 0.58 -7.86
C ARG B 12 6.98 1.12 -8.30
N SER B 13 6.30 1.84 -7.40
CA SER B 13 4.97 2.37 -7.72
C SER B 13 4.95 3.20 -9.01
N SER B 14 5.84 4.22 -9.11
CA SER B 14 5.82 5.09 -10.25
C SER B 14 6.07 4.33 -11.57
N PHE B 15 6.84 3.20 -11.51
CA PHE B 15 7.08 2.36 -12.68
C PHE B 15 5.80 1.60 -13.05
N ASN B 16 5.04 1.09 -12.06
CA ASN B 16 3.76 0.47 -12.36
C ASN B 16 2.79 1.49 -12.95
N ASN B 17 2.84 2.74 -12.46
CA ASN B 17 1.94 3.77 -12.98
C ASN B 17 2.36 4.10 -14.44
N TYR B 18 3.66 4.24 -14.71
CA TYR B 18 4.19 4.58 -16.06
C TYR B 18 3.85 3.44 -17.06
N SER B 19 4.05 2.16 -16.64
CA SER B 19 3.85 1.00 -17.53
C SER B 19 2.38 0.52 -17.61
N GLY B 20 1.53 0.95 -16.68
CA GLY B 20 0.19 0.35 -16.51
C GLY B 20 0.27 -1.04 -15.86
N GLY B 21 1.42 -1.42 -15.32
CA GLY B 21 1.60 -2.72 -14.68
C GLY B 21 2.10 -3.80 -15.60
N PRO B 22 2.47 -4.96 -15.02
CA PRO B 22 3.00 -6.06 -15.86
C PRO B 22 2.01 -6.51 -16.92
N THR B 23 2.51 -6.86 -18.10
CA THR B 23 1.65 -7.42 -19.14
C THR B 23 1.28 -8.84 -18.71
N GLU B 24 2.23 -9.59 -18.12
CA GLU B 24 1.94 -10.93 -17.59
C GLU B 24 2.64 -11.28 -16.28
N MET B 25 1.99 -12.11 -15.49
CA MET B 25 2.55 -12.68 -14.28
C MET B 25 3.17 -14.01 -14.71
N LEU B 26 4.33 -14.33 -14.18
CA LEU B 26 5.05 -15.56 -14.53
C LEU B 26 5.14 -16.53 -13.38
N ASP B 27 5.17 -17.82 -13.71
CA ASP B 27 5.42 -18.92 -12.78
C ASP B 27 4.61 -18.90 -11.46
N GLY B 28 3.29 -18.66 -11.55
CA GLY B 28 2.46 -18.69 -10.34
C GLY B 28 2.43 -17.42 -9.51
N ALA B 29 3.21 -16.36 -9.89
CA ALA B 29 3.16 -15.11 -9.10
C ALA B 29 1.75 -14.49 -9.27
N LYS B 30 1.25 -13.82 -8.24
CA LYS B 30 -0.06 -13.17 -8.34
C LYS B 30 0.07 -11.66 -8.26
N GLN B 31 -0.96 -10.96 -8.71
CA GLN B 31 -0.98 -9.50 -8.65
C GLN B 31 -2.33 -9.04 -8.11
N ASN B 32 -2.34 -7.86 -7.47
CA ASN B 32 -3.61 -7.32 -6.97
C ASN B 32 -4.45 -6.78 -8.12
N GLY B 33 -5.70 -6.39 -7.83
CA GLY B 33 -6.58 -5.86 -8.87
C GLY B 33 -6.02 -4.64 -9.59
N THR B 34 -5.23 -3.81 -8.90
CA THR B 34 -4.69 -2.59 -9.53
C THR B 34 -3.27 -2.77 -10.12
N LYS B 35 -2.79 -4.02 -10.19
CA LYS B 35 -1.54 -4.36 -10.84
C LYS B 35 -0.30 -3.60 -10.33
N ASN B 36 -0.26 -3.30 -9.04
CA ASN B 36 0.88 -2.58 -8.45
C ASN B 36 1.40 -3.25 -7.15
N ARG B 37 0.95 -4.46 -6.83
CA ARG B 37 1.47 -5.20 -5.68
C ARG B 37 1.47 -6.67 -6.08
N PHE B 38 2.66 -7.30 -6.07
CA PHE B 38 2.80 -8.68 -6.54
C PHE B 38 3.11 -9.64 -5.39
N THR B 39 2.71 -10.89 -5.51
CA THR B 39 2.92 -11.89 -4.46
C THR B 39 3.66 -13.10 -5.00
N PHE B 40 4.81 -13.42 -4.39
CA PHE B 40 5.70 -14.51 -4.83
C PHE B 40 5.76 -15.58 -3.72
N GLN B 41 5.38 -16.80 -4.05
CA GLN B 41 5.37 -17.89 -3.07
C GLN B 41 6.75 -18.25 -2.54
N LEU B 42 6.85 -18.57 -1.25
CA LEU B 42 8.10 -18.96 -0.63
C LEU B 42 8.53 -20.35 -1.09
N GLU B 43 9.76 -20.48 -1.61
CA GLU B 43 10.33 -21.78 -2.01
C GLU B 43 11.09 -22.34 -0.79
N SER B 44 11.98 -21.53 -0.19
CA SER B 44 12.75 -21.97 0.97
C SER B 44 13.27 -20.79 1.78
N VAL B 45 13.57 -21.03 3.06
CA VAL B 45 14.10 -20.00 3.95
C VAL B 45 15.07 -20.65 4.92
N THR B 46 16.29 -20.10 5.03
CA THR B 46 17.28 -20.61 5.98
C THR B 46 17.74 -19.44 6.86
N TYR B 47 18.13 -19.75 8.09
CA TYR B 47 18.69 -18.74 8.98
C TYR B 47 19.85 -19.37 9.65
N ASP B 48 21.04 -18.80 9.45
CA ASP B 48 22.27 -19.31 10.07
C ASP B 48 22.52 -18.41 11.28
N GLU B 49 22.47 -19.00 12.46
CA GLU B 49 22.62 -18.31 13.74
C GLU B 49 23.96 -17.62 13.92
N ALA B 50 25.07 -18.32 13.67
CA ALA B 50 26.43 -17.81 13.86
C ALA B 50 26.76 -16.62 12.94
N THR B 51 26.36 -16.66 11.66
CA THR B 51 26.62 -15.55 10.76
C THR B 51 25.47 -14.53 10.71
N GLU B 52 24.32 -14.83 11.35
CA GLU B 52 23.17 -13.94 11.38
C GLU B 52 22.70 -13.62 9.96
N LYS B 53 22.60 -14.66 9.15
CA LYS B 53 22.21 -14.51 7.75
C LYS B 53 20.93 -15.27 7.50
N LEU B 54 19.90 -14.54 7.09
CA LEU B 54 18.62 -15.07 6.72
C LEU B 54 18.56 -15.01 5.18
N GLU B 55 18.16 -16.09 4.53
CA GLU B 55 18.03 -16.13 3.09
C GLU B 55 16.70 -16.75 2.71
N ALA B 56 15.87 -16.03 1.97
CA ALA B 56 14.57 -16.54 1.57
C ALA B 56 14.47 -16.51 0.06
N LYS B 57 14.11 -17.62 -0.56
CA LYS B 57 13.97 -17.72 -2.00
C LYS B 57 12.52 -17.83 -2.33
N PHE B 58 12.04 -17.02 -3.29
CA PHE B 58 10.65 -17.00 -3.70
C PHE B 58 10.53 -17.40 -5.18
N LYS B 59 9.33 -17.84 -5.61
CA LYS B 59 9.04 -18.29 -6.96
C LYS B 59 8.07 -17.32 -7.64
N GLY B 60 8.22 -17.18 -8.96
CA GLY B 60 7.34 -16.30 -9.70
C GLY B 60 8.06 -15.14 -10.30
N GLY B 61 7.38 -14.45 -11.18
CA GLY B 61 7.94 -13.30 -11.86
C GLY B 61 6.91 -12.34 -12.39
N VAL B 62 7.43 -11.19 -12.80
CA VAL B 62 6.60 -10.16 -13.45
C VAL B 62 7.26 -9.85 -14.80
N HIS B 63 6.42 -9.58 -15.79
CA HIS B 63 6.92 -9.31 -17.14
C HIS B 63 6.24 -8.04 -17.62
N TYR B 64 7.03 -6.98 -17.82
CA TYR B 64 6.58 -5.68 -18.31
C TYR B 64 7.02 -5.52 -19.78
N GLN B 65 6.11 -5.00 -20.56
CA GLN B 65 6.31 -4.73 -21.98
C GLN B 65 5.67 -3.40 -22.34
N LYS B 66 6.41 -2.62 -23.14
CA LYS B 66 5.92 -1.34 -23.59
C LYS B 66 6.58 -1.01 -24.92
N TYR B 67 5.89 -0.21 -25.72
CA TYR B 67 6.41 0.23 -27.06
C TYR B 67 6.51 -0.96 -27.99
N CYS B 68 5.46 -1.77 -28.00
CA CYS B 68 5.36 -2.98 -28.80
C CYS B 68 5.01 -2.56 -30.23
N ALA B 69 5.71 -3.13 -31.20
CA ALA B 69 5.42 -2.86 -32.62
C ALA B 69 4.14 -3.59 -33.02
N ASP B 70 3.84 -4.74 -32.40
CA ASP B 70 2.60 -5.47 -32.62
C ASP B 70 1.92 -5.38 -31.25
N GLU B 71 1.09 -4.38 -31.05
CA GLU B 71 0.47 -4.12 -29.78
C GLU B 71 -0.51 -5.20 -29.39
N ALA B 72 -1.26 -5.73 -30.38
CA ALA B 72 -2.27 -6.76 -30.08
C ALA B 72 -1.66 -8.03 -29.56
N SER B 73 -0.39 -8.34 -29.92
CA SER B 73 0.25 -9.54 -29.41
C SER B 73 1.43 -9.28 -28.48
N HIS B 74 1.68 -8.00 -28.10
CA HIS B 74 2.81 -7.65 -27.21
C HIS B 74 4.14 -8.22 -27.71
N SER B 75 4.40 -8.04 -28.99
CA SER B 75 5.61 -8.54 -29.65
C SER B 75 6.44 -7.37 -30.15
N ASP B 76 7.75 -7.53 -30.17
CA ASP B 76 8.68 -6.47 -30.61
C ASP B 76 8.51 -5.20 -29.79
N CYS B 77 8.62 -5.34 -28.48
CA CYS B 77 8.48 -4.26 -27.52
C CYS B 77 9.89 -3.70 -27.20
N GLN B 78 10.09 -2.39 -27.38
CA GLN B 78 11.39 -1.78 -27.06
C GLN B 78 11.63 -1.85 -25.52
N LEU B 79 10.55 -1.81 -24.71
CA LEU B 79 10.71 -2.01 -23.25
C LEU B 79 10.24 -3.41 -22.99
N ASP B 80 11.15 -4.28 -22.57
CA ASP B 80 10.78 -5.67 -22.28
C ASP B 80 11.59 -6.14 -21.11
N LEU B 81 10.95 -6.20 -19.95
CA LEU B 81 11.55 -6.45 -18.65
C LEU B 81 10.95 -7.66 -17.94
N LYS B 82 11.77 -8.66 -17.57
CA LYS B 82 11.33 -9.80 -16.78
C LYS B 82 12.11 -9.76 -15.49
N ILE B 83 11.44 -9.94 -14.35
CA ILE B 83 12.09 -10.00 -13.04
C ILE B 83 11.51 -11.26 -12.40
N GLU B 84 12.34 -12.29 -12.17
CA GLU B 84 11.88 -13.57 -11.70
C GLU B 84 12.60 -14.07 -10.45
N ASN B 85 11.92 -14.98 -9.73
CA ASN B 85 12.42 -15.69 -8.56
C ASN B 85 13.21 -14.81 -7.59
N PRO B 86 12.56 -13.80 -7.01
CA PRO B 86 13.27 -12.94 -6.07
C PRO B 86 13.84 -13.70 -4.87
N ARG B 87 15.04 -13.31 -4.45
CA ARG B 87 15.72 -13.92 -3.34
C ARG B 87 16.14 -12.78 -2.40
N ILE B 88 15.79 -12.88 -1.11
CA ILE B 88 16.13 -11.87 -0.13
C ILE B 88 17.22 -12.38 0.77
N VAL B 89 18.23 -11.55 1.01
CA VAL B 89 19.27 -11.89 1.95
C VAL B 89 19.27 -10.78 2.99
N ILE B 90 19.04 -11.12 4.25
CA ILE B 90 19.08 -10.15 5.34
C ILE B 90 20.20 -10.62 6.23
N ALA B 91 21.31 -9.89 6.26
CA ALA B 91 22.51 -10.33 6.94
C ALA B 91 23.28 -9.13 7.55
N LYS B 92 24.18 -9.41 8.51
CA LYS B 92 25.02 -8.42 9.18
C LYS B 92 25.86 -7.57 8.21
N GLY B 93 26.47 -8.19 7.22
CA GLY B 93 27.29 -7.49 6.23
C GLY B 93 26.54 -6.67 5.18
N GLY B 94 25.23 -6.78 5.17
CA GLY B 94 24.41 -6.07 4.20
C GLY B 94 23.22 -6.91 3.81
N SER B 95 22.12 -6.25 3.45
CA SER B 95 20.89 -6.90 3.06
C SER B 95 20.51 -6.50 1.65
N HIS B 96 20.06 -7.45 0.85
CA HIS B 96 19.76 -7.19 -0.56
C HIS B 96 18.63 -8.04 -1.14
N VAL B 97 18.13 -7.63 -2.34
CA VAL B 97 17.21 -8.38 -3.18
C VAL B 97 17.99 -8.79 -4.42
N PHE B 98 17.96 -10.08 -4.73
CA PHE B 98 18.54 -10.61 -5.93
C PHE B 98 17.40 -11.15 -6.79
N ALA B 99 17.55 -11.14 -8.12
CA ALA B 99 16.54 -11.69 -9.00
C ALA B 99 17.10 -12.04 -10.33
N LYS B 100 16.44 -12.98 -11.02
CA LYS B 100 16.80 -13.32 -12.39
C LYS B 100 16.15 -12.27 -13.31
N VAL B 101 16.96 -11.51 -14.02
CA VAL B 101 16.46 -10.38 -14.82
C VAL B 101 16.90 -10.49 -16.29
N SER B 102 16.06 -9.97 -17.15
CA SER B 102 16.31 -9.77 -18.58
C SER B 102 15.61 -8.46 -18.89
N SER B 103 16.35 -7.49 -19.43
CA SER B 103 15.73 -6.20 -19.73
C SER B 103 16.36 -5.60 -20.99
N LYS B 104 15.58 -5.35 -22.05
CA LYS B 104 16.12 -4.70 -23.28
C LYS B 104 16.55 -3.29 -22.92
N LYS B 105 17.76 -2.90 -23.37
CA LYS B 105 18.27 -1.57 -23.08
C LYS B 105 17.67 -0.49 -23.98
N TYR B 106 17.46 0.70 -23.40
CA TYR B 106 16.93 1.86 -24.10
C TYR B 106 17.87 2.28 -25.22
N GLN B 107 17.31 2.41 -26.43
CA GLN B 107 17.98 2.81 -27.67
C GLN B 107 19.12 1.85 -27.97
N SER B 108 18.84 0.53 -27.89
CA SER B 108 19.89 -0.46 -28.18
C SER B 108 19.33 -1.88 -28.35
N SER B 109 20.11 -2.77 -28.97
CA SER B 109 19.81 -4.23 -29.05
C SER B 109 20.39 -4.95 -27.87
N GLY B 110 21.27 -4.28 -27.09
CA GLY B 110 21.84 -4.85 -25.88
C GLY B 110 20.75 -5.22 -24.91
N THR B 111 20.96 -6.29 -24.19
CA THR B 111 20.00 -6.76 -23.20
C THR B 111 20.72 -6.87 -21.88
N TYR B 112 20.20 -6.21 -20.85
CA TYR B 112 20.75 -6.35 -19.52
C TYR B 112 20.29 -7.73 -18.99
N THR B 113 21.22 -8.58 -18.51
CA THR B 113 20.83 -9.87 -17.94
C THR B 113 21.49 -10.05 -16.58
N ASN B 114 20.83 -10.81 -15.72
CA ASN B 114 21.32 -11.11 -14.38
C ASN B 114 20.70 -12.45 -14.00
N ASP B 115 21.52 -13.45 -13.69
CA ASP B 115 21.00 -14.77 -13.36
C ASP B 115 20.39 -14.88 -11.94
N GLY B 116 20.55 -13.86 -11.12
CA GLY B 116 20.00 -13.87 -9.76
C GLY B 116 20.72 -14.73 -8.74
N GLU B 117 21.81 -15.37 -9.16
CA GLU B 117 22.62 -16.22 -8.32
C GLU B 117 24.03 -15.62 -8.09
N ASP B 118 24.25 -14.36 -8.48
CA ASP B 118 25.53 -13.69 -8.37
C ASP B 118 25.44 -12.70 -7.25
N ASP B 119 26.11 -12.98 -6.14
CA ASP B 119 26.06 -12.11 -4.96
C ASP B 119 26.68 -10.73 -5.17
N ALA B 120 27.46 -10.54 -6.23
CA ALA B 120 28.02 -9.22 -6.55
C ALA B 120 27.03 -8.35 -7.32
N ARG B 121 25.86 -8.91 -7.75
CA ARG B 121 24.93 -8.16 -8.57
C ARG B 121 23.50 -8.11 -8.03
N PRO B 122 23.30 -7.59 -6.81
CA PRO B 122 21.92 -7.41 -6.32
C PRO B 122 21.22 -6.31 -7.09
N ILE B 123 19.85 -6.36 -7.18
CA ILE B 123 19.11 -5.30 -7.82
C ILE B 123 18.60 -4.23 -6.81
N ALA B 124 18.58 -4.57 -5.50
CA ALA B 124 18.17 -3.64 -4.48
C ALA B 124 18.88 -3.90 -3.18
N GLN B 125 19.05 -2.86 -2.39
CA GLN B 125 19.65 -2.95 -1.07
C GLN B 125 18.53 -2.72 -0.06
N LEU B 126 18.49 -3.54 0.98
CA LEU B 126 17.45 -3.48 2.00
C LEU B 126 17.93 -2.88 3.32
N TYR B 127 17.10 -2.08 3.98
CA TYR B 127 17.45 -1.45 5.26
C TYR B 127 16.41 -1.89 6.30
N THR B 128 16.77 -2.85 7.15
CA THR B 128 15.82 -3.40 8.12
C THR B 128 15.74 -2.60 9.41
N ALA B 129 16.62 -1.60 9.63
CA ALA B 129 16.63 -0.87 10.91
C ALA B 129 15.26 -0.38 11.41
N ASN B 130 14.44 0.21 10.53
CA ASN B 130 13.13 0.71 10.92
C ASN B 130 11.96 -0.10 10.35
N ALA B 131 12.20 -1.36 9.93
CA ALA B 131 11.10 -2.19 9.43
C ALA B 131 10.34 -2.83 10.63
N THR B 132 9.11 -3.33 10.40
CA THR B 132 8.34 -3.97 11.46
C THR B 132 8.61 -5.46 11.43
N PHE B 133 8.85 -6.07 12.61
CA PHE B 133 9.11 -7.49 12.66
C PHE B 133 8.15 -8.10 13.64
N LYS B 134 7.43 -9.16 13.27
CA LYS B 134 6.48 -9.79 14.19
C LYS B 134 6.59 -11.30 14.12
N GLU B 135 6.49 -11.97 15.28
CA GLU B 135 6.53 -13.42 15.31
C GLU B 135 5.47 -13.85 16.30
N GLU B 136 4.44 -14.53 15.81
CA GLU B 136 3.30 -14.94 16.63
C GLU B 136 2.69 -16.20 16.05
N ASP B 137 2.36 -17.18 16.91
CA ASP B 137 1.72 -18.43 16.51
C ASP B 137 2.53 -19.24 15.50
N GLY B 138 3.86 -19.15 15.58
CA GLY B 138 4.74 -19.83 14.63
C GLY B 138 4.95 -19.09 13.31
N LYS B 139 4.29 -17.94 13.10
CA LYS B 139 4.43 -17.20 11.84
C LYS B 139 5.28 -15.93 12.02
N VAL B 140 6.28 -15.76 11.14
CA VAL B 140 7.17 -14.60 11.17
C VAL B 140 6.78 -13.69 9.99
N THR B 141 6.61 -12.40 10.23
CA THR B 141 6.34 -11.43 9.18
C THR B 141 7.30 -10.24 9.34
N TRP B 142 8.07 -9.92 8.31
CA TRP B 142 8.99 -8.79 8.34
C TRP B 142 8.38 -7.87 7.29
N SER B 143 7.74 -6.76 7.76
CA SER B 143 6.97 -5.83 6.96
CA SER B 143 7.01 -5.87 6.90
C SER B 143 7.64 -4.49 6.71
N GLU B 144 7.28 -3.86 5.59
CA GLU B 144 7.67 -2.54 5.16
C GLU B 144 9.14 -2.30 5.27
N ILE B 145 9.93 -3.23 4.73
CA ILE B 145 11.37 -3.07 4.70
C ILE B 145 11.70 -2.10 3.53
N PRO B 146 12.31 -0.93 3.78
CA PRO B 146 12.68 -0.05 2.66
C PRO B 146 13.75 -0.66 1.76
N ALA B 147 13.69 -0.29 0.46
CA ALA B 147 14.61 -0.79 -0.55
C ALA B 147 15.11 0.36 -1.40
N LEU B 148 16.38 0.33 -1.77
CA LEU B 148 16.98 1.31 -2.64
C LEU B 148 17.58 0.60 -3.85
N LEU B 149 17.56 1.26 -4.99
CA LEU B 149 18.08 0.68 -6.22
C LEU B 149 19.62 0.62 -6.19
N THR B 150 20.21 -0.51 -6.60
CA THR B 150 21.67 -0.65 -6.69
C THR B 150 22.11 -0.23 -8.14
N LYS B 151 23.43 -0.28 -8.45
CA LYS B 151 23.93 0.00 -9.80
C LYS B 151 23.32 -0.98 -10.80
N ASP B 152 23.22 -2.27 -10.43
CA ASP B 152 22.61 -3.27 -11.32
C ASP B 152 21.13 -3.01 -11.52
N GLY B 153 20.44 -2.61 -10.46
CA GLY B 153 19.03 -2.26 -10.53
C GLY B 153 18.82 -1.11 -11.49
N ALA B 154 19.69 -0.09 -11.40
CA ALA B 154 19.63 1.08 -12.28
C ALA B 154 19.80 0.64 -13.72
N GLU B 155 20.76 -0.26 -14.02
CA GLU B 155 20.98 -0.78 -15.36
C GLU B 155 19.78 -1.52 -15.89
N MET B 156 19.10 -2.27 -15.04
CA MET B 156 17.88 -3.00 -15.45
C MET B 156 16.81 -1.99 -15.94
N PHE B 157 16.78 -0.78 -15.34
CA PHE B 157 15.82 0.27 -15.73
C PHE B 157 16.43 1.30 -16.72
N SER B 158 17.50 0.90 -17.43
CA SER B 158 18.19 1.70 -18.42
C SER B 158 18.65 3.04 -17.89
N ASN B 159 18.96 3.10 -16.58
CA ASN B 159 19.44 4.32 -15.92
C ASN B 159 18.45 5.48 -15.95
N PHE B 160 17.16 5.16 -16.09
CA PHE B 160 16.12 6.17 -15.97
C PHE B 160 16.01 6.67 -14.50
N TYR B 161 16.43 5.84 -13.52
CA TYR B 161 16.49 6.21 -12.12
C TYR B 161 17.96 6.23 -11.72
N PRO B 162 18.36 7.17 -10.86
CA PRO B 162 19.74 7.15 -10.36
C PRO B 162 19.95 6.00 -9.36
N VAL B 163 21.20 5.64 -9.08
CA VAL B 163 21.53 4.66 -8.07
C VAL B 163 21.11 5.21 -6.70
N ASN B 164 20.60 4.34 -5.81
CA ASN B 164 20.10 4.66 -4.49
C ASN B 164 18.75 5.36 -4.50
N SER B 165 18.06 5.42 -5.65
CA SER B 165 16.70 5.98 -5.65
C SER B 165 15.78 4.94 -5.00
N GLY B 166 14.64 5.40 -4.51
CA GLY B 166 13.73 4.54 -3.76
C GLY B 166 13.00 3.52 -4.60
N LEU B 167 12.76 2.37 -4.03
CA LEU B 167 11.90 1.34 -4.61
C LEU B 167 10.74 1.13 -3.61
N ASP B 168 9.75 0.31 -3.97
CA ASP B 168 8.71 -0.07 -3.05
C ASP B 168 9.31 -0.84 -1.87
N SER B 169 8.80 -0.55 -0.68
CA SER B 169 9.23 -1.32 0.48
C SER B 169 8.68 -2.78 0.32
N LEU B 170 9.37 -3.80 0.92
CA LEU B 170 8.83 -5.14 0.79
C LEU B 170 8.42 -5.77 2.12
N THR B 171 7.56 -6.78 2.03
CA THR B 171 7.04 -7.54 3.17
C THR B 171 7.11 -9.01 2.82
N PHE B 172 7.53 -9.85 3.78
CA PHE B 172 7.57 -11.28 3.55
C PHE B 172 7.23 -12.02 4.81
N SER B 173 6.81 -13.26 4.65
CA SER B 173 6.43 -14.05 5.81
C SER B 173 6.77 -15.50 5.60
N PHE B 174 7.02 -16.21 6.71
CA PHE B 174 7.35 -17.61 6.66
C PHE B 174 6.98 -18.25 7.99
N ASP B 175 6.86 -19.57 8.01
CA ASP B 175 6.58 -20.30 9.24
C ASP B 175 7.90 -20.70 9.87
N LYS B 176 8.03 -20.56 11.20
CA LYS B 176 9.23 -20.97 11.92
C LYS B 176 9.54 -22.46 11.67
N SER B 177 8.50 -23.29 11.43
CA SER B 177 8.62 -24.73 11.14
C SER B 177 9.29 -24.99 9.78
N GLN B 178 9.15 -24.08 8.83
CA GLN B 178 9.82 -24.19 7.54
C GLN B 178 11.28 -23.68 7.60
N LEU B 179 11.65 -22.94 8.67
CA LEU B 179 12.97 -22.34 8.82
C LEU B 179 14.08 -23.35 8.90
N GLY B 180 14.76 -23.56 7.77
CA GLY B 180 15.90 -24.46 7.71
C GLY B 180 17.20 -23.78 8.09
CHA HEM C . -4.96 4.31 -10.87
CHB HEM C . -3.45 7.17 -14.46
CHC HEM C . -6.22 10.71 -12.69
CHD HEM C . -7.77 7.84 -9.13
C1A HEM C . -4.28 4.78 -11.99
C2A HEM C . -3.43 3.94 -12.83
C3A HEM C . -3.00 4.74 -13.86
C4A HEM C . -3.59 6.05 -13.64
CMA HEM C . -2.09 4.37 -14.99
CAA HEM C . -3.09 2.49 -12.64
CBA HEM C . -2.10 2.23 -11.52
CGA HEM C . -2.73 1.70 -10.26
O1A HEM C . -3.85 1.20 -10.22
O2A HEM C . -2.01 1.89 -9.19
C1B HEM C . -4.08 8.41 -14.30
C2B HEM C . -3.89 9.55 -15.20
C3B HEM C . -4.72 10.55 -14.71
C4B HEM C . -5.37 10.02 -13.54
CMB HEM C . -2.94 9.60 -16.37
CAB HEM C . -4.90 11.89 -15.27
CBB HEM C . -5.89 12.74 -15.22
C1C HEM C . -6.91 10.24 -11.56
C2C HEM C . -7.86 11.03 -10.79
C3C HEM C . -8.29 10.19 -9.77
C4C HEM C . -7.60 8.94 -9.93
CMC HEM C . -8.26 12.44 -11.11
CAC HEM C . -9.28 10.44 -8.71
CBC HEM C . -9.21 10.14 -7.40
C1D HEM C . -7.15 6.61 -9.31
C2D HEM C . -7.39 5.46 -8.46
C3D HEM C . -6.57 4.46 -8.93
C4D HEM C . -5.85 5.01 -10.08
CMD HEM C . -8.33 5.42 -7.29
CAD HEM C . -6.37 3.10 -8.32
CBD HEM C . -5.03 3.01 -7.63
CGD HEM C . -4.85 1.77 -6.80
O1D HEM C . -5.55 1.49 -5.86
O2D HEM C . -3.80 1.08 -7.14
NA HEM C . -4.35 6.04 -12.47
NB HEM C . -4.96 8.71 -13.33
NC HEM C . -6.79 8.99 -11.06
ND HEM C . -6.24 6.33 -10.29
FE HEM C . -5.34 7.62 -11.61
C1 GOL D . -12.17 3.41 -14.80
O1 GOL D . -13.22 2.96 -13.94
C2 GOL D . -12.17 4.93 -14.91
O2 GOL D . -11.49 5.30 -16.11
C3 GOL D . -13.58 5.49 -14.90
O3 GOL D . -13.57 6.87 -15.29
C1 PEG E . -7.51 17.33 -18.40
O1 PEG E . -6.75 16.12 -18.53
C2 PEG E . -6.69 18.48 -17.91
O2 PEG E . -7.54 19.55 -17.50
C3 PEG E . -6.92 20.80 -17.32
C4 PEG E . -7.05 21.62 -18.57
O4 PEG E . -6.38 22.86 -18.45
C1 GOL F . -22.61 0.12 19.86
O1 GOL F . -23.81 -0.13 19.11
C2 GOL F . -22.79 -0.20 21.33
O2 GOL F . -23.30 -1.53 21.50
C3 GOL F . -21.52 0.00 22.13
O3 GOL F . -20.63 -1.10 22.01
C1 EDO G . 3.12 14.40 -10.48
O1 EDO G . 2.32 13.24 -10.31
C2 EDO G . 3.37 14.96 -9.13
O2 EDO G . 2.86 16.28 -9.09
C1 EDO H . -23.38 -3.91 10.59
O1 EDO H . -23.17 -2.81 11.48
C2 EDO H . -22.94 -5.21 11.22
O2 EDO H . -22.37 -6.07 10.25
S SO4 I . 4.68 7.80 -6.64
O1 SO4 I . 3.43 7.32 -7.23
O2 SO4 I . 4.41 8.90 -5.70
O3 SO4 I . 5.36 6.69 -5.95
O4 SO4 I . 5.57 8.36 -7.68
CHA HEM J . 10.01 7.00 -18.12
CHB HEM J . 9.73 7.35 -22.91
CHC HEM J . 12.02 3.11 -23.30
CHD HEM J . 12.33 2.77 -18.48
C1A HEM J . 9.73 7.47 -19.39
C2A HEM J . 9.13 8.77 -19.66
C3A HEM J . 9.05 8.89 -21.03
C4A HEM J . 9.61 7.65 -21.57
CMA HEM J . 8.55 10.05 -21.84
CAA HEM J . 8.69 9.81 -18.65
CBA HEM J . 7.39 9.47 -17.93
CGA HEM J . 7.60 8.95 -16.54
O1A HEM J . 8.64 9.15 -15.90
O2A HEM J . 6.59 8.24 -16.08
C1B HEM J . 10.34 6.21 -23.47
C2B HEM J . 10.47 5.96 -24.90
C3B HEM J . 11.16 4.76 -25.00
C4B HEM J . 11.42 4.31 -23.65
CMB HEM J . 9.89 6.82 -25.98
CAB HEM J . 11.53 4.07 -26.23
CBB HEM J . 12.50 3.24 -26.49
C1C HEM J . 12.33 2.65 -22.00
C2C HEM J . 13.07 1.42 -21.73
C3C HEM J . 13.14 1.34 -20.35
C4C HEM J . 12.46 2.48 -19.82
CMC HEM J . 13.64 0.51 -22.77
CAC HEM J . 13.80 0.33 -19.53
CBC HEM J . 13.35 -0.28 -18.44
C1D HEM J . 11.71 3.90 -17.95
C2D HEM J . 11.64 4.20 -16.53
C3D HEM J . 10.97 5.40 -16.42
C4D HEM J . 10.65 5.82 -17.78
CMD HEM J . 12.18 3.33 -15.45
CAD HEM J . 10.54 6.08 -15.16
CBD HEM J . 9.05 5.93 -14.93
CGD HEM J . 8.61 6.40 -13.57
O1D HEM J . 8.96 5.86 -12.55
O2D HEM J . 7.75 7.39 -13.61
NA HEM J . 9.98 6.81 -20.54
NB HEM J . 10.90 5.20 -22.73
NC HEM J . 11.99 3.28 -20.85
ND HEM J . 11.11 4.88 -18.68
FE HEM J . 10.74 4.90 -20.69
C1 GOL K . 18.33 9.11 -18.74
O1 GOL K . 17.36 10.07 -18.32
C2 GOL K . 17.71 8.08 -19.66
O2 GOL K . 16.88 8.76 -20.60
C3 GOL K . 18.74 7.25 -20.38
O3 GOL K . 19.84 6.92 -19.53
C1 GOL L . 15.48 -10.74 16.06
O1 GOL L . 16.09 -11.96 15.65
C2 GOL L . 15.50 -9.71 14.95
O2 GOL L . 15.17 -10.29 13.68
C3 GOL L . 14.58 -8.54 15.24
O3 GOL L . 14.64 -7.57 14.21
C1 PEG M . 15.31 -1.71 -34.47
O1 PEG M . 14.79 -2.68 -35.37
C2 PEG M . 15.09 -2.07 -33.01
O2 PEG M . 14.64 -0.92 -32.27
C3 PEG M . 15.58 0.16 -32.20
C4 PEG M . 15.18 1.10 -31.10
O4 PEG M . 14.34 2.16 -31.57
C1 PEG N . 16.00 -14.00 12.79
O1 PEG N . 15.03 -14.99 12.47
C2 PEG N . 16.42 -13.18 11.59
O2 PEG N . 17.67 -12.52 11.85
C3 PEG N . 18.32 -12.03 10.67
C4 PEG N . 18.74 -10.61 10.86
O4 PEG N . 20.16 -10.44 10.74
C1 EDO O . 20.33 -3.08 7.39
O1 EDO O . 19.71 -4.35 7.47
C2 EDO O . 20.10 -2.25 8.64
O2 EDO O . 19.62 -0.96 8.30
C1 EDO P . 1.98 -0.91 -25.88
O1 EDO P . 2.91 -1.26 -26.87
C2 EDO P . 1.96 0.57 -25.88
O2 EDO P . 3.22 0.97 -25.38
C1 GOL Q . 6.94 -12.73 -24.83
O1 GOL Q . 7.90 -12.52 -23.80
C2 GOL Q . 5.74 -13.50 -24.31
O2 GOL Q . 5.18 -12.80 -23.20
C3 GOL Q . 4.71 -13.77 -25.39
O3 GOL Q . 3.45 -14.12 -24.84
S SO4 R . -4.32 -4.60 -2.15
O1 SO4 R . -4.57 -6.04 -2.22
O2 SO4 R . -5.15 -3.89 -3.14
O3 SO4 R . -4.78 -4.14 -0.82
O4 SO4 R . -2.88 -4.25 -2.24
#